data_9K9L
#
_entry.id   9K9L
#
_cell.length_a   1.00
_cell.length_b   1.00
_cell.length_c   1.00
_cell.angle_alpha   90.00
_cell.angle_beta   90.00
_cell.angle_gamma   90.00
#
_symmetry.space_group_name_H-M   'P 1'
#
loop_
_entity.id
_entity.type
_entity.pdbx_description
1 polymer 'Histone H3-like centromeric protein A'
2 polymer 'Histone H4'
3 polymer 'Widom601 DNA FW (145-MER)'
4 polymer 'Widom601 DNA RV (145-MER)'
#
loop_
_entity_poly.entity_id
_entity_poly.type
_entity_poly.pdbx_seq_one_letter_code
_entity_poly.pdbx_strand_id
1 'polypeptide(L)'
;GSHMGPRRRSRKPEAPRRRSPSPTPTPGPSRRGPSLGASSHQHSRRRQGWLKEIRKLQKSTHLLIRKLPFSRLAREICVK
FTRGVDFNWQAQALLALQEAAEAFLVHLFEDAYLLTLHAGRVTLFPKDVQLARRIRGLEEGLG
;
A,C,E,G
2 'polypeptide(L)'
;GSHMSGRGKGGKGLGKGGAKRHRKVLRDNIQGITKPAIRRLARRGGVKRISGLIYEETRGVLKVFLENVIRDAVTYTEHA
KRKTVTAMDVVYALKRQGRTLYGFGG
;
B,D,F,H
3 'polydeoxyribonucleotide'
;(DA)(DT)(DC)(DA)(DG)(DA)(DA)(DT)(DC)(DC)(DC)(DG)(DG)(DT)(DG)(DC)(DC)(DG)(DA)(DG)
(DG)(DC)(DC)(DG)(DC)(DT)(DC)(DA)(DA)(DT)(DT)(DG)(DG)(DT)(DC)(DG)(DT)(DA)(DG)(DA)
(DC)(DA)(DG)(DC)(DT)(DC)(DT)(DA)(DG)(DC)(DA)(DC)(DC)(DG)(DC)(DT)(DT)(DA)(DA)(DA)
(DC)(DG)(DC)(DA)(DC)(DG)(DT)(DA)(DC)(DG)(DC)(DG)(DC)(DT)(DG)(DT)(DC)(DC)(DC)(DC)
(DC)(DG)(DC)(DG)(DT)(DT)(DT)(DT)(DA)(DA)(DC)(DC)(DG)(DC)(DC)(DA)(DA)(DG)(DG)(DG)
(DG)(DA)(DT)(DT)(DA)(DC)(DT)(DC)(DC)(DC)(DT)(DA)(DG)(DT)(DC)(DT)(DC)(DC)(DA)(DG)
(DG)(DC)(DA)(DC)(DG)(DT)(DG)(DT)(DC)(DA)(DG)(DA)(DT)(DA)(DT)(DA)(DT)(DA)(DC)(DA)
(DT)(DC)(DG)(DA)(DT)
;
I
4 'polydeoxyribonucleotide'
;(DA)(DT)(DC)(DG)(DA)(DT)(DG)(DT)(DA)(DT)(DA)(DT)(DA)(DT)(DC)(DT)(DG)(DA)(DC)(DA)
(DC)(DG)(DT)(DG)(DC)(DC)(DT)(DG)(DG)(DA)(DG)(DA)(DC)(DT)(DA)(DG)(DG)(DG)(DA)(DG)
(DT)(DA)(DA)(DT)(DC)(DC)(DC)(DC)(DT)(DT)(DG)(DG)(DC)(DG)(DG)(DT)(DT)(DA)(DA)(DA)
(DA)(DC)(DG)(DC)(DG)(DG)(DG)(DG)(DG)(DA)(DC)(DA)(DG)(DC)(DG)(DC)(DG)(DT)(DA)(DC)
(DG)(DT)(DG)(DC)(DG)(DT)(DT)(DT)(DA)(DA)(DG)(DC)(DG)(DG)(DT)(DG)(DC)(DT)(DA)(DG)
(DA)(DG)(DC)(DT)(DG)(DT)(DC)(DT)(DA)(DC)(DG)(DA)(DC)(DC)(DA)(DA)(DT)(DT)(DG)(DA)
(DG)(DC)(DG)(DG)(DC)(DC)(DT)(DC)(DG)(DG)(DC)(DA)(DC)(DC)(DG)(DG)(DG)(DA)(DT)(DT)
(DC)(DT)(DG)(DA)(DT)
;
J
#
loop_
_chem_comp.id
_chem_comp.type
_chem_comp.name
_chem_comp.formula
DA DNA linking 2'-DEOXYADENOSINE-5'-MONOPHOSPHATE 'C10 H14 N5 O6 P'
DC DNA linking 2'-DEOXYCYTIDINE-5'-MONOPHOSPHATE 'C9 H14 N3 O7 P'
DG DNA linking 2'-DEOXYGUANOSINE-5'-MONOPHOSPHATE 'C10 H14 N5 O7 P'
DT DNA linking THYMIDINE-5'-MONOPHOSPHATE 'C10 H15 N2 O8 P'
#
# COMPACT_ATOMS: atom_id res chain seq x y z
N HIS A 62 -19.31 -13.78 -24.85
CA HIS A 62 -18.06 -14.47 -24.59
C HIS A 62 -17.69 -14.38 -23.11
N LEU A 63 -18.71 -14.38 -22.25
CA LEU A 63 -18.51 -14.24 -20.82
C LEU A 63 -18.29 -15.60 -20.19
N LEU A 64 -17.20 -15.75 -19.44
CA LEU A 64 -16.86 -17.04 -18.85
C LEU A 64 -17.62 -17.29 -17.56
N ILE A 65 -17.73 -16.27 -16.71
CA ILE A 65 -18.57 -16.35 -15.52
C ILE A 65 -20.02 -16.14 -15.94
N ARG A 66 -20.91 -16.94 -15.34
CA ARG A 66 -22.33 -16.80 -15.64
C ARG A 66 -22.83 -15.42 -15.23
N LYS A 67 -23.70 -14.84 -16.07
CA LYS A 67 -24.04 -13.43 -15.94
C LYS A 67 -24.80 -13.14 -14.65
N LEU A 68 -25.84 -13.92 -14.37
CA LEU A 68 -26.71 -13.66 -13.23
C LEU A 68 -26.02 -13.86 -11.88
N PRO A 69 -25.19 -14.89 -11.68
CA PRO A 69 -24.45 -14.97 -10.41
C PRO A 69 -23.53 -13.78 -10.17
N PHE A 70 -22.82 -13.34 -11.20
CA PHE A 70 -21.97 -12.15 -11.05
C PHE A 70 -22.81 -10.91 -10.79
N SER A 71 -23.98 -10.81 -11.42
CA SER A 71 -24.89 -9.70 -11.13
C SER A 71 -25.29 -9.71 -9.66
N ARG A 72 -25.68 -10.88 -9.15
CA ARG A 72 -26.02 -11.01 -7.74
C ARG A 72 -24.90 -10.55 -6.84
N LEU A 73 -23.68 -11.01 -7.12
CA LEU A 73 -22.55 -10.67 -6.27
C LEU A 73 -22.24 -9.17 -6.33
N ALA A 74 -22.25 -8.60 -7.54
CA ALA A 74 -22.00 -7.16 -7.67
C ALA A 74 -23.03 -6.35 -6.90
N ARG A 75 -24.31 -6.73 -6.99
CA ARG A 75 -25.32 -6.00 -6.25
C ARG A 75 -25.17 -6.20 -4.75
N GLU A 76 -24.74 -7.38 -4.31
CA GLU A 76 -24.47 -7.59 -2.89
C GLU A 76 -23.39 -6.63 -2.40
N ILE A 77 -22.30 -6.51 -3.16
CA ILE A 77 -21.20 -5.64 -2.74
C ILE A 77 -21.62 -4.18 -2.79
N CYS A 78 -22.45 -3.81 -3.78
CA CYS A 78 -22.97 -2.45 -3.83
C CYS A 78 -23.83 -2.14 -2.62
N VAL A 79 -24.66 -3.10 -2.19
CA VAL A 79 -25.45 -2.90 -0.98
C VAL A 79 -24.55 -2.80 0.25
N LYS A 80 -23.47 -3.60 0.29
CA LYS A 80 -22.48 -3.45 1.34
C LYS A 80 -21.99 -2.01 1.44
N PHE A 81 -21.56 -1.45 0.32
CA PHE A 81 -20.87 -0.16 0.35
C PHE A 81 -21.80 1.03 0.40
N THR A 82 -23.06 0.87 -0.03
CA THR A 82 -24.02 1.97 -0.04
C THR A 82 -24.83 2.04 1.26
N ARG A 83 -24.61 1.09 2.17
CA ARG A 83 -25.25 1.10 3.50
C ARG A 83 -26.78 1.05 3.38
N GLY A 84 -27.26 0.02 2.68
CA GLY A 84 -28.67 -0.26 2.62
C GLY A 84 -29.38 0.13 1.35
N VAL A 85 -28.98 1.25 0.74
CA VAL A 85 -29.59 1.70 -0.50
C VAL A 85 -29.09 0.84 -1.65
N ASP A 86 -30.00 0.25 -2.40
CA ASP A 86 -29.65 -0.59 -3.55
C ASP A 86 -29.78 0.25 -4.82
N PHE A 87 -28.65 0.50 -5.46
CA PHE A 87 -28.64 1.29 -6.70
C PHE A 87 -29.10 0.45 -7.87
N ASN A 88 -29.87 1.05 -8.77
CA ASN A 88 -30.17 0.42 -10.04
C ASN A 88 -28.90 0.25 -10.86
N TRP A 89 -28.53 -0.99 -11.16
CA TRP A 89 -27.34 -1.26 -11.94
C TRP A 89 -27.70 -1.40 -13.41
N GLN A 90 -27.14 -0.53 -14.24
CA GLN A 90 -27.34 -0.64 -15.68
C GLN A 90 -26.70 -1.91 -16.21
N ALA A 91 -27.34 -2.52 -17.22
CA ALA A 91 -26.79 -3.70 -17.84
C ALA A 91 -25.41 -3.44 -18.45
N GLN A 92 -25.22 -2.26 -19.06
CA GLN A 92 -23.91 -1.92 -19.58
C GLN A 92 -22.86 -1.90 -18.47
N ALA A 93 -23.22 -1.35 -17.31
CA ALA A 93 -22.29 -1.30 -16.20
C ALA A 93 -21.94 -2.70 -15.71
N LEU A 94 -22.94 -3.58 -15.59
CA LEU A 94 -22.68 -4.94 -15.13
C LEU A 94 -21.81 -5.71 -16.11
N LEU A 95 -22.06 -5.56 -17.42
CA LEU A 95 -21.19 -6.23 -18.38
C LEU A 95 -19.77 -5.67 -18.36
N ALA A 96 -19.61 -4.35 -18.26
CA ALA A 96 -18.27 -3.79 -18.20
C ALA A 96 -17.52 -4.28 -16.95
N LEU A 97 -18.20 -4.31 -15.81
CA LEU A 97 -17.60 -4.79 -14.58
C LEU A 97 -17.22 -6.26 -14.69
N GLN A 98 -18.10 -7.08 -15.28
CA GLN A 98 -17.82 -8.50 -15.41
C GLN A 98 -16.66 -8.75 -16.36
N GLU A 99 -16.59 -8.01 -17.47
CA GLU A 99 -15.48 -8.15 -18.39
C GLU A 99 -14.17 -7.76 -17.72
N ALA A 100 -14.19 -6.69 -16.91
CA ALA A 100 -12.98 -6.29 -16.21
C ALA A 100 -12.55 -7.33 -15.20
N ALA A 101 -13.49 -7.88 -14.43
CA ALA A 101 -13.14 -8.93 -13.47
C ALA A 101 -12.59 -10.17 -14.17
N GLU A 102 -13.20 -10.55 -15.29
CA GLU A 102 -12.71 -11.68 -16.08
C GLU A 102 -11.28 -11.43 -16.52
N ALA A 103 -11.01 -10.27 -17.11
CA ALA A 103 -9.66 -9.99 -17.61
C ALA A 103 -8.66 -9.97 -16.46
N PHE A 104 -9.03 -9.42 -15.31
CA PHE A 104 -8.12 -9.37 -14.17
C PHE A 104 -7.80 -10.78 -13.68
N LEU A 105 -8.81 -11.63 -13.54
CA LEU A 105 -8.57 -12.99 -13.09
C LEU A 105 -7.73 -13.77 -14.10
N VAL A 106 -7.96 -13.54 -15.39
CA VAL A 106 -7.19 -14.25 -16.40
C VAL A 106 -5.73 -13.83 -16.34
N HIS A 107 -5.47 -12.52 -16.20
CA HIS A 107 -4.09 -12.06 -16.10
C HIS A 107 -3.42 -12.59 -14.84
N LEU A 108 -4.16 -12.64 -13.73
CA LEU A 108 -3.59 -13.16 -12.48
C LEU A 108 -3.26 -14.65 -12.62
N PHE A 109 -4.13 -15.42 -13.28
CA PHE A 109 -3.83 -16.83 -13.53
C PHE A 109 -2.62 -16.98 -14.43
N GLU A 110 -2.48 -16.12 -15.44
CA GLU A 110 -1.32 -16.21 -16.33
C GLU A 110 -0.03 -15.95 -15.56
N ASP A 111 -0.04 -14.95 -14.67
CA ASP A 111 1.16 -14.66 -13.88
C ASP A 111 1.44 -15.77 -12.88
N ALA A 112 0.39 -16.32 -12.26
CA ALA A 112 0.57 -17.44 -11.35
C ALA A 112 1.11 -18.67 -12.06
N TYR A 113 0.74 -18.88 -13.33
CA TYR A 113 1.30 -20.01 -14.06
C TYR A 113 2.74 -19.75 -14.47
N LEU A 114 3.08 -18.48 -14.75
CA LEU A 114 4.48 -18.13 -14.91
C LEU A 114 5.29 -18.46 -13.65
N LEU A 115 4.71 -18.20 -12.48
CA LEU A 115 5.37 -18.60 -11.24
C LEU A 115 5.49 -20.11 -11.09
N THR A 116 4.41 -20.85 -11.37
CA THR A 116 4.42 -22.28 -11.10
C THR A 116 5.38 -23.01 -12.04
N LEU A 117 5.35 -22.68 -13.33
CA LEU A 117 6.31 -23.26 -14.26
C LEU A 117 7.74 -22.93 -13.86
N HIS A 118 7.95 -21.76 -13.28
CA HIS A 118 9.29 -21.41 -12.79
C HIS A 118 9.72 -22.31 -11.64
N ALA A 119 8.78 -22.73 -10.80
CA ALA A 119 9.09 -23.54 -9.63
C ALA A 119 9.08 -25.04 -9.93
N GLY A 120 9.20 -25.42 -11.20
CA GLY A 120 9.27 -26.82 -11.57
C GLY A 120 8.02 -27.61 -11.25
N ARG A 121 6.85 -27.07 -11.61
CA ARG A 121 5.59 -27.75 -11.36
C ARG A 121 4.68 -27.58 -12.57
N VAL A 122 3.58 -28.34 -12.56
CA VAL A 122 2.53 -28.19 -13.56
C VAL A 122 1.21 -27.72 -12.95
N THR A 123 1.00 -27.90 -11.65
CA THR A 123 -0.22 -27.48 -10.99
C THR A 123 0.06 -26.21 -10.18
N LEU A 124 -0.71 -25.17 -10.44
CA LEU A 124 -0.57 -23.93 -9.69
C LEU A 124 -1.28 -24.05 -8.34
N PHE A 125 -0.52 -23.88 -7.26
CA PHE A 125 -1.05 -23.86 -5.91
C PHE A 125 -1.54 -22.46 -5.57
N PRO A 126 -2.29 -22.30 -4.48
CA PRO A 126 -2.71 -20.95 -4.08
C PRO A 126 -1.54 -20.04 -3.68
N LYS A 127 -0.47 -20.63 -3.12
CA LYS A 127 0.65 -19.82 -2.65
C LYS A 127 1.35 -19.06 -3.76
N ASP A 128 1.19 -19.48 -5.02
CA ASP A 128 1.84 -18.70 -6.06
C ASP A 128 0.93 -17.63 -6.63
N VAL A 129 -0.39 -17.84 -6.61
CA VAL A 129 -1.29 -16.72 -6.83
C VAL A 129 -1.03 -15.63 -5.80
N GLN A 130 -0.87 -16.04 -4.53
CA GLN A 130 -0.57 -15.07 -3.48
C GLN A 130 0.77 -14.38 -3.73
N LEU A 131 1.77 -15.12 -4.21
CA LEU A 131 3.07 -14.50 -4.46
C LEU A 131 2.99 -13.53 -5.65
N ALA A 132 2.24 -13.90 -6.69
CA ALA A 132 2.04 -12.99 -7.82
C ALA A 132 1.35 -11.71 -7.36
N ARG A 133 0.33 -11.84 -6.51
CA ARG A 133 -0.35 -10.65 -5.98
C ARG A 133 0.61 -9.80 -5.15
N ARG A 134 1.50 -10.45 -4.40
CA ARG A 134 2.46 -9.69 -3.61
C ARG A 134 3.45 -8.94 -4.49
N ILE A 135 3.93 -9.59 -5.56
CA ILE A 135 4.89 -8.95 -6.45
C ILE A 135 4.25 -7.79 -7.21
N ARG A 136 3.05 -8.02 -7.76
CA ARG A 136 2.39 -7.00 -8.58
C ARG A 136 2.10 -5.74 -7.77
N GLY A 137 1.90 -5.88 -6.47
CA GLY A 137 1.66 -4.73 -5.61
C GLY A 137 0.19 -4.35 -5.50
N ARG B 27 -27.56 -21.48 -0.16
CA ARG B 27 -26.24 -21.16 -0.69
C ARG B 27 -25.79 -19.75 -0.29
N ASP B 28 -24.49 -19.53 -0.30
CA ASP B 28 -23.93 -18.20 -0.16
C ASP B 28 -23.78 -17.57 -1.54
N ASN B 29 -23.90 -16.24 -1.58
CA ASN B 29 -23.96 -15.57 -2.88
C ASN B 29 -22.61 -15.59 -3.60
N ILE B 30 -21.50 -15.64 -2.86
CA ILE B 30 -20.19 -15.75 -3.49
C ILE B 30 -20.02 -17.10 -4.17
N GLN B 31 -20.75 -18.12 -3.73
CA GLN B 31 -20.64 -19.46 -4.27
C GLN B 31 -21.31 -19.61 -5.63
N GLY B 32 -22.04 -18.60 -6.10
CA GLY B 32 -22.66 -18.67 -7.41
C GLY B 32 -21.68 -18.63 -8.55
N ILE B 33 -20.46 -18.15 -8.30
CA ILE B 33 -19.36 -18.25 -9.25
C ILE B 33 -18.77 -19.65 -9.11
N THR B 34 -19.30 -20.59 -9.89
CA THR B 34 -19.05 -22.01 -9.68
C THR B 34 -17.63 -22.40 -10.08
N LYS B 35 -17.23 -23.58 -9.61
CA LYS B 35 -15.93 -24.16 -9.94
C LYS B 35 -15.64 -24.25 -11.44
N PRO B 36 -16.56 -24.72 -12.29
CA PRO B 36 -16.24 -24.75 -13.73
C PRO B 36 -16.00 -23.38 -14.33
N ALA B 37 -16.60 -22.32 -13.78
CA ALA B 37 -16.31 -20.98 -14.30
C ALA B 37 -14.86 -20.59 -14.01
N ILE B 38 -14.39 -20.86 -12.79
CA ILE B 38 -13.01 -20.57 -12.45
C ILE B 38 -12.07 -21.43 -13.29
N ARG B 39 -12.43 -22.70 -13.50
CA ARG B 39 -11.64 -23.55 -14.38
C ARG B 39 -11.55 -22.99 -15.80
N ARG B 40 -12.67 -22.50 -16.34
CA ARG B 40 -12.64 -21.92 -17.68
C ARG B 40 -11.79 -20.65 -17.75
N LEU B 41 -11.92 -19.77 -16.75
CA LEU B 41 -11.03 -18.61 -16.68
C LEU B 41 -9.58 -19.04 -16.64
N ALA B 42 -9.28 -20.09 -15.90
CA ALA B 42 -7.92 -20.60 -15.80
C ALA B 42 -7.44 -21.16 -17.14
N ARG B 43 -8.33 -21.87 -17.85
CA ARG B 43 -8.01 -22.33 -19.19
C ARG B 43 -7.64 -21.17 -20.10
N ARG B 44 -8.42 -20.08 -20.05
CA ARG B 44 -8.05 -18.90 -20.83
C ARG B 44 -6.73 -18.31 -20.37
N GLY B 45 -6.38 -18.48 -19.09
CA GLY B 45 -5.08 -18.03 -18.66
C GLY B 45 -3.93 -18.94 -19.03
N GLY B 46 -4.21 -20.05 -19.68
CA GLY B 46 -3.18 -20.94 -20.21
C GLY B 46 -2.69 -22.00 -19.25
N VAL B 47 -3.36 -22.19 -18.13
CA VAL B 47 -2.94 -23.14 -17.11
C VAL B 47 -3.54 -24.51 -17.44
N LYS B 48 -2.73 -25.56 -17.28
CA LYS B 48 -3.17 -26.90 -17.65
C LYS B 48 -3.77 -27.69 -16.48
N ARG B 49 -3.32 -27.45 -15.25
CA ARG B 49 -3.79 -28.22 -14.10
C ARG B 49 -4.06 -27.28 -12.93
N ILE B 50 -5.05 -27.64 -12.11
CA ILE B 50 -5.62 -26.76 -11.09
C ILE B 50 -5.81 -27.48 -9.77
N SER B 51 -5.17 -26.97 -8.71
CA SER B 51 -5.34 -27.46 -7.35
C SER B 51 -6.74 -27.20 -6.82
N GLY B 52 -7.22 -28.09 -5.95
CA GLY B 52 -8.56 -27.95 -5.40
C GLY B 52 -8.80 -26.72 -4.55
N LEU B 53 -7.77 -26.19 -3.88
CA LEU B 53 -7.99 -25.06 -2.98
C LEU B 53 -8.00 -23.73 -3.72
N ILE B 54 -7.46 -23.71 -4.93
CA ILE B 54 -7.35 -22.46 -5.65
C ILE B 54 -8.72 -21.83 -5.82
N TYR B 55 -9.76 -22.64 -6.03
CA TYR B 55 -11.07 -22.06 -6.32
C TYR B 55 -11.47 -21.13 -5.17
N GLU B 56 -11.35 -21.61 -3.94
CA GLU B 56 -11.70 -20.81 -2.77
C GLU B 56 -10.83 -19.57 -2.70
N GLU B 57 -9.52 -19.74 -2.91
CA GLU B 57 -8.64 -18.58 -2.86
C GLU B 57 -9.01 -17.58 -3.94
N THR B 58 -9.26 -18.07 -5.16
CA THR B 58 -9.59 -17.19 -6.27
C THR B 58 -10.84 -16.41 -5.93
N ARG B 59 -11.82 -17.08 -5.30
CA ARG B 59 -13.07 -16.42 -4.99
C ARG B 59 -12.79 -15.24 -4.08
N GLY B 60 -11.95 -15.48 -3.06
CA GLY B 60 -11.60 -14.39 -2.16
C GLY B 60 -10.96 -13.23 -2.90
N VAL B 61 -9.99 -13.55 -3.78
CA VAL B 61 -9.30 -12.51 -4.54
C VAL B 61 -10.29 -11.71 -5.37
N LEU B 62 -11.17 -12.42 -6.07
CA LEU B 62 -12.14 -11.76 -6.93
C LEU B 62 -13.01 -10.85 -6.10
N LYS B 63 -13.46 -11.34 -4.94
CA LYS B 63 -14.34 -10.53 -4.11
C LYS B 63 -13.63 -9.23 -3.75
N VAL B 64 -12.35 -9.33 -3.38
CA VAL B 64 -11.60 -8.13 -2.99
C VAL B 64 -11.59 -7.13 -4.17
N PHE B 65 -11.25 -7.63 -5.35
CA PHE B 65 -11.21 -6.78 -6.54
C PHE B 65 -12.56 -6.10 -6.74
N LEU B 66 -13.63 -6.88 -6.74
CA LEU B 66 -14.96 -6.33 -6.98
C LEU B 66 -15.27 -5.28 -5.94
N GLU B 67 -14.99 -5.59 -4.67
CA GLU B 67 -15.26 -4.66 -3.59
C GLU B 67 -14.66 -3.31 -3.93
N ASN B 68 -13.37 -3.30 -4.25
CA ASN B 68 -12.67 -2.04 -4.51
C ASN B 68 -13.33 -1.30 -5.68
N VAL B 69 -13.51 -2.00 -6.81
CA VAL B 69 -14.06 -1.36 -8.00
C VAL B 69 -15.45 -0.81 -7.70
N ILE B 70 -16.30 -1.62 -7.06
CA ILE B 70 -17.68 -1.23 -6.84
C ILE B 70 -17.73 -0.05 -5.88
N ARG B 71 -16.87 -0.05 -4.86
CA ARG B 71 -16.82 1.07 -3.94
C ARG B 71 -16.56 2.36 -4.71
N ASP B 72 -15.55 2.34 -5.58
CA ASP B 72 -15.25 3.54 -6.35
C ASP B 72 -16.41 3.92 -7.26
N ALA B 73 -17.00 2.92 -7.93
CA ALA B 73 -18.12 3.19 -8.83
C ALA B 73 -19.26 3.86 -8.08
N VAL B 74 -19.59 3.35 -6.90
CA VAL B 74 -20.71 3.87 -6.14
C VAL B 74 -20.40 5.29 -5.68
N THR B 75 -19.14 5.55 -5.29
CA THR B 75 -18.76 6.90 -4.93
C THR B 75 -18.99 7.84 -6.11
N TYR B 76 -18.56 7.43 -7.30
CA TYR B 76 -18.78 8.26 -8.48
C TYR B 76 -20.27 8.50 -8.69
N THR B 77 -21.08 7.46 -8.50
CA THR B 77 -22.53 7.60 -8.66
C THR B 77 -23.06 8.66 -7.71
N GLU B 78 -22.57 8.67 -6.48
CA GLU B 78 -23.04 9.65 -5.51
C GLU B 78 -22.58 11.04 -5.90
N HIS B 79 -21.38 11.15 -6.48
CA HIS B 79 -20.90 12.43 -6.97
C HIS B 79 -21.78 12.96 -8.09
N ALA B 80 -22.28 12.08 -8.94
CA ALA B 80 -23.11 12.49 -10.07
C ALA B 80 -24.56 12.76 -9.67
N LYS B 81 -24.88 12.63 -8.39
CA LYS B 81 -26.25 12.80 -7.89
C LYS B 81 -27.23 11.92 -8.65
N ARG B 82 -26.82 10.68 -8.93
CA ARG B 82 -27.64 9.69 -9.60
C ARG B 82 -27.92 8.54 -8.66
N LYS B 83 -28.92 7.74 -9.01
CA LYS B 83 -29.26 6.53 -8.28
C LYS B 83 -28.97 5.27 -9.10
N THR B 84 -28.48 5.44 -10.33
CA THR B 84 -28.19 4.33 -11.23
C THR B 84 -26.70 4.34 -11.55
N VAL B 85 -26.00 3.26 -11.23
CA VAL B 85 -24.61 3.13 -11.63
C VAL B 85 -24.57 2.96 -13.14
N THR B 86 -23.83 3.85 -13.81
CA THR B 86 -23.72 3.85 -15.26
C THR B 86 -22.43 3.17 -15.69
N ALA B 87 -22.36 2.85 -16.99
CA ALA B 87 -21.12 2.32 -17.56
C ALA B 87 -19.95 3.27 -17.33
N MET B 88 -20.20 4.57 -17.41
CA MET B 88 -19.13 5.54 -17.20
C MET B 88 -18.62 5.51 -15.76
N ASP B 89 -19.52 5.30 -14.80
CA ASP B 89 -19.10 5.12 -13.43
C ASP B 89 -18.11 3.97 -13.30
N VAL B 90 -18.42 2.84 -13.92
CA VAL B 90 -17.55 1.67 -13.87
C VAL B 90 -16.23 1.96 -14.55
N VAL B 91 -16.27 2.61 -15.72
CA VAL B 91 -15.03 2.91 -16.44
C VAL B 91 -14.12 3.79 -15.59
N TYR B 92 -14.67 4.83 -14.96
CA TYR B 92 -13.87 5.67 -14.08
C TYR B 92 -13.33 4.92 -12.87
N ALA B 93 -14.18 4.08 -12.26
CA ALA B 93 -13.71 3.28 -11.13
C ALA B 93 -12.54 2.39 -11.54
N LEU B 94 -12.66 1.73 -12.68
CA LEU B 94 -11.59 0.84 -13.15
C LEU B 94 -10.33 1.63 -13.45
N LYS B 95 -10.46 2.80 -14.08
CA LYS B 95 -9.30 3.64 -14.37
C LYS B 95 -8.59 4.03 -13.08
N ARG B 96 -9.33 4.53 -12.09
CA ARG B 96 -8.72 4.99 -10.85
C ARG B 96 -8.28 3.84 -9.95
N GLN B 97 -8.71 2.61 -10.22
CA GLN B 97 -8.33 1.46 -9.42
C GLN B 97 -7.18 0.67 -10.02
N GLY B 98 -7.31 0.23 -11.27
CA GLY B 98 -6.25 -0.52 -11.92
C GLY B 98 -5.54 0.22 -13.01
N ARG B 99 -4.23 0.39 -12.83
CA ARG B 99 -3.31 1.04 -13.78
C ARG B 99 -3.95 2.00 -14.78
N THR C 61 22.18 3.61 4.94
CA THR C 61 21.48 4.47 4.00
C THR C 61 22.46 5.17 3.05
N HIS C 62 23.75 4.88 3.24
CA HIS C 62 24.77 5.40 2.35
C HIS C 62 24.76 4.66 1.02
N LEU C 63 25.30 5.32 0.00
CA LEU C 63 25.38 4.71 -1.32
C LEU C 63 26.38 3.57 -1.32
N LEU C 64 25.97 2.43 -1.90
CA LEU C 64 26.86 1.28 -2.03
C LEU C 64 27.55 1.22 -3.38
N ILE C 65 27.13 2.05 -4.34
CA ILE C 65 27.85 2.21 -5.61
C ILE C 65 28.69 3.48 -5.51
N ARG C 66 29.97 3.36 -5.82
CA ARG C 66 30.86 4.52 -5.74
C ARG C 66 30.37 5.62 -6.66
N LYS C 67 30.51 6.87 -6.21
CA LYS C 67 29.84 7.99 -6.86
C LYS C 67 30.42 8.29 -8.24
N LEU C 68 31.73 8.10 -8.42
CA LEU C 68 32.35 8.49 -9.68
C LEU C 68 32.00 7.57 -10.85
N PRO C 69 32.02 6.23 -10.70
CA PRO C 69 31.57 5.38 -11.82
C PRO C 69 30.12 5.63 -12.21
N PHE C 70 29.24 5.78 -11.22
CA PHE C 70 27.84 6.04 -11.52
C PHE C 70 27.66 7.39 -12.18
N SER C 71 28.44 8.40 -11.75
CA SER C 71 28.41 9.69 -12.41
C SER C 71 28.85 9.58 -13.85
N ARG C 72 29.93 8.83 -14.10
CA ARG C 72 30.36 8.57 -15.48
C ARG C 72 29.24 7.97 -16.31
N LEU C 73 28.60 6.92 -15.79
CA LEU C 73 27.55 6.23 -16.55
C LEU C 73 26.36 7.15 -16.81
N ALA C 74 25.94 7.91 -15.80
CA ALA C 74 24.83 8.82 -15.96
C ALA C 74 25.12 9.87 -17.02
N ARG C 75 26.32 10.46 -16.95
CA ARG C 75 26.71 11.43 -17.97
C ARG C 75 26.81 10.80 -19.35
N GLU C 76 27.22 9.53 -19.42
CA GLU C 76 27.27 8.85 -20.72
C GLU C 76 25.89 8.72 -21.32
N ILE C 77 24.91 8.34 -20.50
CA ILE C 77 23.55 8.17 -21.01
C ILE C 77 22.96 9.52 -21.39
N CYS C 78 23.17 10.55 -20.56
CA CYS C 78 22.76 11.90 -20.93
C CYS C 78 23.42 12.36 -22.23
N VAL C 79 24.66 11.94 -22.48
CA VAL C 79 25.30 12.24 -23.77
C VAL C 79 24.59 11.52 -24.90
N LYS C 80 24.24 10.25 -24.71
CA LYS C 80 23.55 9.51 -25.77
C LYS C 80 22.21 10.16 -26.11
N PHE C 81 21.45 10.58 -25.09
CA PHE C 81 20.13 11.13 -25.35
C PHE C 81 20.19 12.54 -25.94
N THR C 82 21.30 13.25 -25.75
CA THR C 82 21.45 14.61 -26.25
C THR C 82 22.38 14.71 -27.46
N ARG C 83 22.63 13.59 -28.14
CA ARG C 83 23.50 13.55 -29.32
C ARG C 83 24.90 14.08 -29.03
N GLY C 84 25.34 13.98 -27.78
CA GLY C 84 26.65 14.44 -27.39
C GLY C 84 26.69 15.82 -26.75
N VAL C 85 25.61 16.59 -26.84
CA VAL C 85 25.56 17.87 -26.14
C VAL C 85 25.55 17.61 -24.64
N ASP C 86 26.45 18.28 -23.92
CA ASP C 86 26.66 18.00 -22.51
C ASP C 86 25.77 18.91 -21.67
N PHE C 87 24.79 18.32 -20.99
CA PHE C 87 24.00 19.03 -20.01
C PHE C 87 24.60 18.81 -18.63
N ASN C 88 25.02 19.90 -17.98
CA ASN C 88 25.71 19.77 -16.70
C ASN C 88 24.78 19.19 -15.65
N TRP C 89 25.34 18.33 -14.80
CA TRP C 89 24.59 17.65 -13.74
C TRP C 89 24.98 18.25 -12.39
N GLN C 90 23.98 18.75 -11.67
CA GLN C 90 24.21 19.22 -10.31
C GLN C 90 24.51 18.06 -9.38
N ALA C 91 25.26 18.34 -8.31
CA ALA C 91 25.66 17.29 -7.38
C ALA C 91 24.43 16.63 -6.74
N GLN C 92 23.47 17.44 -6.30
CA GLN C 92 22.26 16.88 -5.71
C GLN C 92 21.47 16.06 -6.74
N ALA C 93 21.50 16.47 -8.01
CA ALA C 93 20.79 15.71 -9.04
C ALA C 93 21.37 14.32 -9.20
N LEU C 94 22.70 14.23 -9.36
CA LEU C 94 23.34 12.92 -9.49
C LEU C 94 23.17 12.11 -8.21
N LEU C 95 23.19 12.77 -7.05
CA LEU C 95 23.00 12.06 -5.79
C LEU C 95 21.61 11.45 -5.71
N ALA C 96 20.58 12.21 -6.09
CA ALA C 96 19.22 11.69 -6.07
C ALA C 96 19.04 10.57 -7.09
N LEU C 97 19.64 10.73 -8.28
CA LEU C 97 19.55 9.70 -9.30
C LEU C 97 20.18 8.40 -8.82
N GLN C 98 21.35 8.50 -8.16
CA GLN C 98 22.00 7.29 -7.65
C GLN C 98 21.20 6.68 -6.52
N GLU C 99 20.60 7.51 -5.64
CA GLU C 99 19.74 6.99 -4.59
C GLU C 99 18.59 6.18 -5.18
N ALA C 100 17.95 6.72 -6.22
CA ALA C 100 16.81 6.04 -6.81
C ALA C 100 17.22 4.75 -7.51
N ALA C 101 18.33 4.78 -8.26
CA ALA C 101 18.79 3.56 -8.92
C ALA C 101 19.13 2.49 -7.89
N GLU C 102 19.78 2.89 -6.79
CA GLU C 102 20.12 1.95 -5.73
C GLU C 102 18.88 1.34 -5.11
N ALA C 103 17.89 2.16 -4.78
CA ALA C 103 16.66 1.65 -4.18
C ALA C 103 15.92 0.71 -5.15
N PHE C 104 15.91 1.07 -6.44
CA PHE C 104 15.26 0.22 -7.44
C PHE C 104 15.94 -1.13 -7.53
N LEU C 105 17.28 -1.15 -7.55
CA LEU C 105 18.00 -2.41 -7.63
C LEU C 105 17.79 -3.24 -6.37
N VAL C 106 17.74 -2.60 -5.20
CA VAL C 106 17.53 -3.34 -3.96
C VAL C 106 16.14 -3.97 -3.95
N HIS C 107 15.12 -3.22 -4.37
CA HIS C 107 13.77 -3.78 -4.41
C HIS C 107 13.67 -4.91 -5.44
N LEU C 108 14.35 -4.75 -6.59
CA LEU C 108 14.34 -5.81 -7.58
C LEU C 108 15.04 -7.06 -7.04
N PHE C 109 16.07 -6.89 -6.23
CA PHE C 109 16.71 -8.06 -5.63
C PHE C 109 15.83 -8.71 -4.59
N GLU C 110 15.06 -7.91 -3.84
CA GLU C 110 14.17 -8.52 -2.85
C GLU C 110 13.05 -9.29 -3.56
N ASP C 111 12.69 -8.85 -4.77
CA ASP C 111 11.66 -9.56 -5.50
C ASP C 111 12.24 -10.81 -6.15
N ALA C 112 13.46 -10.73 -6.65
CA ALA C 112 14.07 -11.90 -7.25
C ALA C 112 14.36 -12.95 -6.19
N TYR C 113 14.69 -12.53 -4.97
CA TYR C 113 14.90 -13.51 -3.91
C TYR C 113 13.58 -14.10 -3.43
N LEU C 114 12.49 -13.34 -3.51
CA LEU C 114 11.18 -13.95 -3.28
C LEU C 114 10.92 -15.05 -4.32
N LEU C 115 11.24 -14.77 -5.58
CA LEU C 115 11.17 -15.79 -6.62
C LEU C 115 12.03 -17.00 -6.27
N THR C 116 13.28 -16.75 -5.87
CA THR C 116 14.23 -17.83 -5.60
C THR C 116 13.73 -18.72 -4.47
N LEU C 117 13.28 -18.12 -3.37
CA LEU C 117 12.74 -18.91 -2.27
C LEU C 117 11.43 -19.60 -2.64
N HIS C 118 10.69 -19.06 -3.63
CA HIS C 118 9.53 -19.79 -4.12
C HIS C 118 9.95 -21.01 -4.93
N ALA C 119 11.07 -20.93 -5.64
CA ALA C 119 11.57 -22.07 -6.40
C ALA C 119 12.31 -23.08 -5.56
N GLY C 120 12.53 -22.81 -4.28
CA GLY C 120 13.28 -23.70 -3.42
C GLY C 120 14.77 -23.47 -3.43
N ARG C 121 15.30 -22.83 -4.47
CA ARG C 121 16.72 -22.57 -4.56
C ARG C 121 17.14 -21.46 -3.59
N VAL C 122 18.44 -21.45 -3.28
CA VAL C 122 18.98 -20.47 -2.34
C VAL C 122 19.72 -19.35 -3.06
N THR C 123 20.05 -19.53 -4.34
CA THR C 123 20.86 -18.58 -5.09
C THR C 123 20.03 -17.97 -6.22
N LEU C 124 20.12 -16.66 -6.37
CA LEU C 124 19.54 -15.98 -7.52
C LEU C 124 20.08 -16.57 -8.82
N PHE C 125 19.32 -16.39 -9.89
CA PHE C 125 19.75 -16.80 -11.22
C PHE C 125 19.44 -15.68 -12.21
N PRO C 126 19.97 -15.73 -13.43
CA PRO C 126 19.51 -14.79 -14.46
C PRO C 126 18.02 -14.89 -14.77
N LYS C 127 17.34 -15.92 -14.25
CA LYS C 127 15.92 -16.15 -14.48
C LYS C 127 15.03 -15.43 -13.47
N ASP C 128 15.45 -15.38 -12.20
CA ASP C 128 14.59 -14.80 -11.17
C ASP C 128 14.45 -13.29 -11.30
N VAL C 129 15.47 -12.62 -11.87
CA VAL C 129 15.33 -11.19 -12.10
C VAL C 129 14.49 -10.92 -13.32
N GLN C 130 14.68 -11.71 -14.39
CA GLN C 130 13.85 -11.53 -15.58
C GLN C 130 12.39 -11.78 -15.25
N LEU C 131 12.12 -12.75 -14.38
CA LEU C 131 10.73 -13.04 -14.01
C LEU C 131 10.17 -11.98 -13.07
N ALA C 132 10.98 -11.46 -12.14
CA ALA C 132 10.53 -10.36 -11.32
C ALA C 132 10.17 -9.15 -12.16
N ARG C 133 10.99 -8.84 -13.18
CA ARG C 133 10.68 -7.72 -14.05
C ARG C 133 9.43 -7.99 -14.88
N ARG C 134 9.27 -9.23 -15.37
CA ARG C 134 8.12 -9.53 -16.21
C ARG C 134 6.83 -9.43 -15.42
N ILE C 135 6.83 -9.92 -14.17
CA ILE C 135 5.62 -9.88 -13.37
C ILE C 135 5.33 -8.46 -12.88
N ARG C 136 6.37 -7.71 -12.50
CA ARG C 136 6.15 -6.33 -12.09
C ARG C 136 5.60 -5.47 -13.23
N GLY C 137 5.97 -5.78 -14.46
CA GLY C 137 5.46 -5.06 -15.61
C GLY C 137 6.50 -4.18 -16.28
N ARG D 27 38.70 -0.35 -20.40
CA ARG D 27 37.38 -0.67 -19.86
C ARG D 27 36.21 0.04 -20.54
N ASP D 28 35.04 -0.56 -20.42
CA ASP D 28 33.78 0.04 -20.78
C ASP D 28 33.21 0.76 -19.57
N ASN D 29 32.47 1.83 -19.83
CA ASN D 29 32.05 2.67 -18.71
C ASN D 29 30.99 1.97 -17.86
N ILE D 30 30.20 1.07 -18.45
CA ILE D 30 29.23 0.32 -17.68
C ILE D 30 29.92 -0.65 -16.72
N GLN D 31 31.14 -1.07 -17.03
CA GLN D 31 31.88 -2.02 -16.21
C GLN D 31 32.45 -1.40 -14.94
N GLY D 32 32.37 -0.08 -14.79
CA GLY D 32 32.84 0.58 -13.57
C GLY D 32 32.01 0.28 -12.34
N ILE D 33 30.77 -0.16 -12.54
CA ILE D 33 29.94 -0.67 -11.45
C ILE D 33 30.34 -2.12 -11.21
N THR D 34 31.30 -2.31 -10.32
CA THR D 34 32.01 -3.56 -10.14
C THR D 34 31.13 -4.62 -9.47
N LYS D 35 31.58 -5.87 -9.58
CA LYS D 35 30.90 -7.00 -8.95
C LYS D 35 30.66 -6.82 -7.44
N PRO D 36 31.62 -6.38 -6.63
CA PRO D 36 31.32 -6.21 -5.20
C PRO D 36 30.24 -5.17 -4.92
N ALA D 37 30.06 -4.17 -5.77
CA ALA D 37 28.97 -3.22 -5.55
C ALA D 37 27.61 -3.89 -5.72
N ILE D 38 27.46 -4.70 -6.77
CA ILE D 38 26.22 -5.42 -6.98
C ILE D 38 26.00 -6.41 -5.85
N ARG D 39 27.07 -7.08 -5.39
CA ARG D 39 26.96 -7.97 -4.26
C ARG D 39 26.49 -7.24 -3.00
N ARG D 40 27.02 -6.05 -2.74
CA ARG D 40 26.59 -5.27 -1.57
C ARG D 40 25.13 -4.85 -1.68
N LEU D 41 24.71 -4.36 -2.86
CA LEU D 41 23.30 -4.05 -3.05
C LEU D 41 22.43 -5.28 -2.79
N ALA D 42 22.88 -6.45 -3.25
CA ALA D 42 22.13 -7.68 -3.04
C ALA D 42 22.09 -8.05 -1.57
N ARG D 43 23.20 -7.85 -0.86
CA ARG D 43 23.22 -8.06 0.59
C ARG D 43 22.16 -7.20 1.26
N ARG D 44 22.07 -5.92 0.86
CA ARG D 44 21.00 -5.08 1.40
C ARG D 44 19.63 -5.64 1.01
N GLY D 45 19.55 -6.30 -0.13
CA GLY D 45 18.31 -6.94 -0.50
C GLY D 45 18.01 -8.25 0.21
N GLY D 46 18.92 -8.71 1.07
CA GLY D 46 18.67 -9.88 1.90
C GLY D 46 19.04 -11.21 1.28
N VAL D 47 19.76 -11.22 0.18
CA VAL D 47 20.11 -12.46 -0.52
C VAL D 47 21.40 -13.02 0.07
N LYS D 48 21.44 -14.33 0.25
CA LYS D 48 22.59 -15.00 0.88
C LYS D 48 23.61 -15.51 -0.13
N ARG D 49 23.18 -15.91 -1.33
CA ARG D 49 24.07 -16.47 -2.33
C ARG D 49 23.75 -15.87 -3.69
N ILE D 50 24.78 -15.72 -4.53
CA ILE D 50 24.69 -14.93 -5.75
C ILE D 50 25.35 -15.66 -6.91
N SER D 51 24.56 -15.93 -7.97
CA SER D 51 25.06 -16.53 -9.20
C SER D 51 26.01 -15.59 -9.95
N GLY D 52 26.97 -16.18 -10.66
CA GLY D 52 27.94 -15.39 -11.40
C GLY D 52 27.35 -14.52 -12.52
N LEU D 53 26.25 -14.96 -13.12
CA LEU D 53 25.67 -14.24 -14.26
C LEU D 53 24.79 -13.07 -13.83
N ILE D 54 24.36 -13.07 -12.57
CA ILE D 54 23.43 -12.05 -12.11
C ILE D 54 24.06 -10.69 -12.34
N TYR D 55 25.38 -10.58 -12.14
CA TYR D 55 26.03 -9.27 -12.23
C TYR D 55 25.78 -8.66 -13.60
N GLU D 56 26.02 -9.45 -14.65
CA GLU D 56 25.82 -8.98 -16.03
C GLU D 56 24.36 -8.59 -16.24
N GLU D 57 23.44 -9.45 -15.78
CA GLU D 57 22.03 -9.11 -15.98
C GLU D 57 21.68 -7.83 -15.24
N THR D 58 22.15 -7.70 -14.00
CA THR D 58 21.84 -6.53 -13.20
C THR D 58 22.35 -5.29 -13.90
N ARG D 59 23.55 -5.39 -14.50
CA ARG D 59 24.11 -4.22 -15.15
C ARG D 59 23.18 -3.78 -16.27
N GLY D 60 22.72 -4.75 -17.06
CA GLY D 60 21.80 -4.42 -18.13
C GLY D 60 20.53 -3.75 -17.62
N VAL D 61 19.95 -4.33 -16.56
CA VAL D 61 18.71 -3.80 -15.98
C VAL D 61 18.93 -2.36 -15.53
N LEU D 62 20.03 -2.13 -14.82
CA LEU D 62 20.32 -0.81 -14.30
C LEU D 62 20.45 0.16 -15.45
N LYS D 63 21.15 -0.24 -16.51
CA LYS D 63 21.35 0.66 -17.64
C LYS D 63 19.99 1.06 -18.20
N VAL D 64 19.09 0.09 -18.35
CA VAL D 64 17.76 0.38 -18.89
C VAL D 64 17.06 1.43 -18.01
N PHE D 65 17.06 1.18 -16.70
CA PHE D 65 16.43 2.10 -15.76
C PHE D 65 17.00 3.49 -15.92
N LEU D 66 18.33 3.60 -15.91
CA LEU D 66 18.98 4.91 -15.98
C LEU D 66 18.57 5.58 -17.29
N GLU D 67 18.60 4.82 -18.39
CA GLU D 67 18.25 5.40 -19.68
C GLU D 67 16.90 6.09 -19.57
N ASN D 68 15.90 5.36 -19.07
CA ASN D 68 14.54 5.91 -18.99
C ASN D 68 14.51 7.16 -18.13
N VAL D 69 15.05 7.07 -16.91
CA VAL D 69 15.01 8.20 -15.99
C VAL D 69 15.72 9.41 -16.60
N ILE D 70 16.91 9.19 -17.15
CA ILE D 70 17.71 10.29 -17.66
C ILE D 70 17.02 10.93 -18.86
N ARG D 71 16.38 10.11 -19.70
CA ARG D 71 15.64 10.63 -20.83
C ARG D 71 14.58 11.61 -20.34
N ASP D 72 13.81 11.21 -19.33
CA ASP D 72 12.78 12.09 -18.82
C ASP D 72 13.39 13.35 -18.21
N ALA D 73 14.46 13.18 -17.44
CA ALA D 73 15.13 14.32 -16.82
C ALA D 73 15.56 15.33 -17.88
N VAL D 74 16.17 14.84 -18.95
CA VAL D 74 16.70 15.71 -19.99
C VAL D 74 15.54 16.43 -20.69
N THR D 75 14.43 15.72 -20.90
CA THR D 75 13.27 16.39 -21.49
C THR D 75 12.84 17.55 -20.60
N TYR D 76 12.76 17.31 -19.29
CA TYR D 76 12.40 18.38 -18.37
C TYR D 76 13.40 19.53 -18.46
N THR D 77 14.69 19.20 -18.58
CA THR D 77 15.74 20.25 -18.67
C THR D 77 15.56 21.02 -19.94
N GLU D 78 15.37 20.32 -21.07
CA GLU D 78 15.18 20.98 -22.39
C GLU D 78 13.89 21.81 -22.36
N HIS D 79 12.86 21.30 -21.69
CA HIS D 79 11.57 22.05 -21.58
C HIS D 79 11.84 23.39 -20.89
N ALA D 80 12.69 23.38 -19.86
CA ALA D 80 13.04 24.63 -19.14
C ALA D 80 14.11 25.39 -19.94
N LYS D 81 14.55 24.82 -21.07
CA LYS D 81 15.55 25.49 -21.94
C LYS D 81 16.78 25.88 -21.11
N ARG D 82 17.34 24.93 -20.36
CA ARG D 82 18.57 25.21 -19.57
C ARG D 82 19.63 24.15 -19.93
N LYS D 83 20.88 24.36 -19.51
CA LYS D 83 21.97 23.40 -19.82
C LYS D 83 22.36 22.64 -18.55
N THR D 84 21.61 22.81 -17.46
CA THR D 84 21.97 22.16 -16.19
C THR D 84 20.85 21.25 -15.74
N VAL D 85 21.15 19.97 -15.51
CA VAL D 85 20.12 19.03 -14.98
C VAL D 85 20.06 19.22 -13.46
N THR D 86 19.00 19.84 -12.96
CA THR D 86 18.85 20.11 -11.54
C THR D 86 18.28 18.90 -10.82
N ALA D 87 18.38 18.93 -9.48
CA ALA D 87 17.75 17.90 -8.67
C ALA D 87 16.25 17.80 -8.91
N MET D 88 15.59 18.92 -9.14
CA MET D 88 14.15 18.90 -9.38
C MET D 88 13.82 18.18 -10.69
N ASP D 89 14.65 18.35 -11.70
CA ASP D 89 14.49 17.62 -12.96
C ASP D 89 14.49 16.12 -12.70
N VAL D 90 15.43 15.65 -11.88
CA VAL D 90 15.54 14.24 -11.56
C VAL D 90 14.30 13.79 -10.78
N VAL D 91 13.86 14.61 -9.83
CA VAL D 91 12.68 14.27 -9.04
C VAL D 91 11.45 14.10 -9.94
N TYR D 92 11.27 15.02 -10.90
CA TYR D 92 10.16 14.90 -11.83
C TYR D 92 10.29 13.66 -12.71
N ALA D 93 11.50 13.38 -13.20
CA ALA D 93 11.71 12.17 -13.99
C ALA D 93 11.34 10.93 -13.19
N LEU D 94 11.77 10.86 -11.93
CA LEU D 94 11.47 9.70 -11.11
C LEU D 94 9.97 9.57 -10.87
N LYS D 95 9.30 10.69 -10.60
CA LYS D 95 7.86 10.65 -10.40
C LYS D 95 7.15 10.12 -11.65
N ARG D 96 7.51 10.64 -12.82
CA ARG D 96 6.85 10.23 -14.06
C ARG D 96 7.29 8.84 -14.53
N GLN D 97 8.36 8.28 -13.97
CA GLN D 97 8.81 6.95 -14.38
C GLN D 97 8.32 5.86 -13.45
N GLY D 98 8.61 5.97 -12.15
CA GLY D 98 8.18 4.97 -11.20
C GLY D 98 7.09 5.45 -10.28
N ARG D 99 5.94 4.77 -10.29
CA ARG D 99 4.76 5.04 -9.46
C ARG D 99 4.68 6.46 -8.88
N SER E 60 5.77 -19.83 10.05
CA SER E 60 5.23 -18.49 9.87
C SER E 60 3.71 -18.54 9.76
N THR E 61 3.20 -19.63 9.21
CA THR E 61 1.76 -19.80 9.05
C THR E 61 1.12 -20.51 10.24
N HIS E 62 1.87 -21.39 10.92
CA HIS E 62 1.29 -22.20 11.99
C HIS E 62 0.88 -21.31 13.17
N LEU E 63 -0.23 -21.66 13.80
CA LEU E 63 -0.75 -20.86 14.90
C LEU E 63 0.18 -20.94 16.11
N LEU E 64 0.47 -19.79 16.71
CA LEU E 64 1.38 -19.73 17.85
C LEU E 64 0.67 -19.84 19.19
N ILE E 65 -0.63 -19.60 19.24
CA ILE E 65 -1.40 -19.67 20.48
C ILE E 65 -2.12 -21.01 20.53
N ARG E 66 -2.12 -21.62 21.71
CA ARG E 66 -2.86 -22.87 21.89
C ARG E 66 -4.33 -22.67 21.60
N LYS E 67 -4.91 -23.63 20.86
CA LYS E 67 -6.26 -23.45 20.31
C LYS E 67 -7.31 -23.45 21.41
N LEU E 68 -7.21 -24.38 22.37
CA LEU E 68 -8.27 -24.52 23.37
C LEU E 68 -8.38 -23.31 24.30
N PRO E 69 -7.29 -22.77 24.87
CA PRO E 69 -7.46 -21.57 25.71
C PRO E 69 -8.00 -20.37 24.94
N PHE E 70 -7.57 -20.19 23.69
CA PHE E 70 -8.06 -19.07 22.92
C PHE E 70 -9.53 -19.25 22.57
N SER E 71 -9.94 -20.47 22.24
CA SER E 71 -11.36 -20.73 22.01
C SER E 71 -12.18 -20.47 23.28
N ARG E 72 -11.65 -20.86 24.44
CA ARG E 72 -12.33 -20.57 25.70
C ARG E 72 -12.52 -19.08 25.88
N LEU E 73 -11.46 -18.30 25.65
CA LEU E 73 -11.55 -16.85 25.80
C LEU E 73 -12.53 -16.25 24.80
N ALA E 74 -12.52 -16.74 23.55
CA ALA E 74 -13.46 -16.26 22.56
C ALA E 74 -14.90 -16.53 22.99
N ARG E 75 -15.17 -17.72 23.52
CA ARG E 75 -16.51 -18.03 23.98
C ARG E 75 -16.91 -17.16 25.17
N GLU E 76 -15.96 -16.86 26.05
CA GLU E 76 -16.26 -16.00 27.20
C GLU E 76 -16.62 -14.59 26.73
N ILE E 77 -15.83 -14.04 25.82
CA ILE E 77 -16.11 -12.71 25.31
C ILE E 77 -17.43 -12.70 24.52
N CYS E 78 -17.76 -13.82 23.86
CA CYS E 78 -19.05 -13.92 23.19
C CYS E 78 -20.20 -13.91 24.20
N VAL E 79 -20.03 -14.61 25.32
CA VAL E 79 -21.06 -14.62 26.35
C VAL E 79 -21.25 -13.22 26.93
N LYS E 80 -20.15 -12.49 27.11
CA LYS E 80 -20.24 -11.17 27.73
C LYS E 80 -21.16 -10.23 26.96
N PHE E 81 -21.20 -10.35 25.64
CA PHE E 81 -21.91 -9.35 24.84
C PHE E 81 -23.40 -9.63 24.75
N THR E 82 -23.79 -10.90 24.61
CA THR E 82 -25.21 -11.26 24.57
C THR E 82 -25.80 -11.52 25.95
N ARG E 83 -25.00 -11.37 27.01
CA ARG E 83 -25.49 -11.42 28.39
C ARG E 83 -26.19 -12.75 28.69
N GLY E 84 -25.44 -13.84 28.51
CA GLY E 84 -25.92 -15.15 28.90
C GLY E 84 -26.40 -16.05 27.77
N VAL E 85 -26.28 -15.64 26.51
CA VAL E 85 -26.69 -16.46 25.38
C VAL E 85 -25.46 -17.17 24.84
N ASP E 86 -25.50 -18.50 24.84
CA ASP E 86 -24.42 -19.33 24.34
C ASP E 86 -24.65 -19.63 22.86
N PHE E 87 -23.81 -19.06 21.99
CA PHE E 87 -23.88 -19.33 20.57
C PHE E 87 -22.94 -20.48 20.24
N ASN E 88 -23.40 -21.38 19.37
CA ASN E 88 -22.51 -22.39 18.80
C ASN E 88 -21.42 -21.72 17.97
N TRP E 89 -20.16 -21.95 18.33
CA TRP E 89 -19.02 -21.37 17.64
C TRP E 89 -18.42 -22.42 16.71
N GLN E 90 -18.63 -22.24 15.40
CA GLN E 90 -18.08 -23.17 14.41
C GLN E 90 -16.57 -23.20 14.46
N ALA E 91 -16.00 -24.41 14.46
CA ALA E 91 -14.55 -24.57 14.63
C ALA E 91 -13.76 -23.78 13.59
N GLN E 92 -14.26 -23.70 12.36
CA GLN E 92 -13.60 -22.89 11.33
C GLN E 92 -13.62 -21.42 11.71
N ALA E 93 -14.70 -20.96 12.34
CA ALA E 93 -14.74 -19.58 12.82
C ALA E 93 -13.67 -19.36 13.88
N LEU E 94 -13.48 -20.33 14.78
CA LEU E 94 -12.42 -20.22 15.77
C LEU E 94 -11.05 -20.14 15.10
N LEU E 95 -10.81 -20.99 14.10
CA LEU E 95 -9.51 -20.98 13.42
C LEU E 95 -9.26 -19.64 12.72
N ALA E 96 -10.29 -19.10 12.06
CA ALA E 96 -10.13 -17.82 11.38
C ALA E 96 -9.90 -16.68 12.38
N LEU E 97 -10.67 -16.67 13.47
CA LEU E 97 -10.50 -15.65 14.49
C LEU E 97 -9.12 -15.72 15.12
N GLN E 98 -8.62 -16.93 15.36
CA GLN E 98 -7.29 -17.08 15.95
C GLN E 98 -6.20 -16.63 14.98
N GLU E 99 -6.32 -17.02 13.70
CA GLU E 99 -5.40 -16.53 12.68
C GLU E 99 -5.35 -15.01 12.67
N ALA E 100 -6.52 -14.37 12.69
CA ALA E 100 -6.56 -12.91 12.62
C ALA E 100 -6.01 -12.27 13.88
N ALA E 101 -6.35 -12.82 15.05
CA ALA E 101 -5.83 -12.27 16.31
C ALA E 101 -4.31 -12.36 16.35
N GLU E 102 -3.75 -13.52 15.99
CA GLU E 102 -2.31 -13.66 15.99
C GLU E 102 -1.65 -12.74 14.97
N ALA E 103 -2.27 -12.58 13.79
CA ALA E 103 -1.69 -11.69 12.79
C ALA E 103 -1.68 -10.25 13.28
N PHE E 104 -2.79 -9.80 13.86
CA PHE E 104 -2.85 -8.45 14.42
C PHE E 104 -1.81 -8.26 15.51
N LEU E 105 -1.67 -9.24 16.41
CA LEU E 105 -0.67 -9.11 17.47
C LEU E 105 0.73 -9.04 16.89
N VAL E 106 1.05 -9.89 15.92
CA VAL E 106 2.38 -9.90 15.33
C VAL E 106 2.67 -8.55 14.67
N HIS E 107 1.68 -8.01 13.94
CA HIS E 107 1.89 -6.72 13.30
C HIS E 107 2.05 -5.61 14.32
N LEU E 108 1.29 -5.67 15.43
CA LEU E 108 1.44 -4.67 16.48
C LEU E 108 2.83 -4.74 17.12
N PHE E 109 3.33 -5.95 17.37
CA PHE E 109 4.69 -6.08 17.89
C PHE E 109 5.72 -5.56 16.89
N GLU E 110 5.47 -5.77 15.59
CA GLU E 110 6.38 -5.26 14.58
C GLU E 110 6.45 -3.74 14.62
N ASP E 111 5.29 -3.08 14.67
CA ASP E 111 5.29 -1.61 14.72
C ASP E 111 5.85 -1.10 16.04
N ALA E 112 5.54 -1.76 17.16
CA ALA E 112 6.09 -1.35 18.43
C ALA E 112 7.59 -1.53 18.48
N TYR E 113 8.13 -2.54 17.79
CA TYR E 113 9.58 -2.68 17.72
C TYR E 113 10.19 -1.63 16.79
N LEU E 114 9.47 -1.23 15.73
CA LEU E 114 9.91 -0.08 14.96
C LEU E 114 10.04 1.14 15.85
N LEU E 115 9.09 1.33 16.78
CA LEU E 115 9.19 2.46 17.70
C LEU E 115 10.32 2.28 18.70
N THR E 116 10.55 1.05 19.15
CA THR E 116 11.65 0.78 20.08
C THR E 116 13.01 0.97 19.41
N LEU E 117 13.09 0.74 18.10
CA LEU E 117 14.35 0.94 17.40
C LEU E 117 14.65 2.43 17.26
N HIS E 118 13.59 3.24 17.15
CA HIS E 118 13.76 4.68 17.07
C HIS E 118 14.53 5.19 18.27
N ALA E 119 14.07 4.85 19.48
CA ALA E 119 14.78 5.22 20.68
C ALA E 119 16.01 4.31 20.85
N GLY E 120 16.86 4.65 21.81
CA GLY E 120 18.09 3.89 21.97
C GLY E 120 17.88 2.44 22.38
N ARG E 121 16.71 2.12 22.94
CA ARG E 121 16.54 0.81 23.55
C ARG E 121 16.40 -0.28 22.50
N VAL E 122 16.70 -1.51 22.91
CA VAL E 122 16.46 -2.69 22.08
C VAL E 122 15.31 -3.53 22.59
N THR E 123 14.86 -3.31 23.82
CA THR E 123 13.84 -4.14 24.44
C THR E 123 12.48 -3.45 24.35
N LEU E 124 11.47 -4.21 23.98
CA LEU E 124 10.10 -3.69 23.91
C LEU E 124 9.57 -3.38 25.31
N PHE E 125 8.83 -2.28 25.43
CA PHE E 125 8.22 -1.84 26.68
C PHE E 125 6.70 -1.72 26.53
N PRO E 126 5.96 -1.48 27.61
CA PRO E 126 4.54 -1.18 27.47
C PRO E 126 4.25 0.10 26.71
N LYS E 127 4.98 1.17 26.99
CA LYS E 127 4.74 2.44 26.29
C LYS E 127 5.06 2.33 24.81
N ASP E 128 6.03 1.49 24.44
CA ASP E 128 6.35 1.30 23.02
C ASP E 128 5.18 0.69 22.27
N VAL E 129 4.33 -0.07 22.93
CA VAL E 129 3.10 -0.58 22.32
C VAL E 129 1.97 0.43 22.43
N GLN E 130 1.85 1.11 23.57
CA GLN E 130 0.76 2.07 23.74
C GLN E 130 0.85 3.18 22.71
N LEU E 131 2.07 3.68 22.47
CA LEU E 131 2.24 4.76 21.51
C LEU E 131 1.99 4.27 20.09
N ALA E 132 2.40 3.03 19.78
CA ALA E 132 2.08 2.47 18.48
C ALA E 132 0.58 2.38 18.26
N ARG E 133 -0.16 1.91 19.27
CA ARG E 133 -1.61 1.85 19.14
C ARG E 133 -2.23 3.23 18.99
N ARG E 134 -1.69 4.21 19.71
CA ARG E 134 -2.23 5.57 19.60
C ARG E 134 -1.99 6.14 18.20
N ILE E 135 -0.80 5.93 17.66
CA ILE E 135 -0.48 6.49 16.35
C ILE E 135 -1.27 5.78 15.26
N ARG E 136 -1.38 4.45 15.33
CA ARG E 136 -2.08 3.70 14.29
C ARG E 136 -3.56 4.07 14.22
N GLY E 137 -4.16 4.39 15.36
CA GLY E 137 -5.57 4.77 15.39
C GLY E 137 -6.26 4.41 16.68
N ARG F 27 -8.52 -19.87 38.41
CA ARG F 27 -7.71 -19.10 37.47
C ARG F 27 -8.60 -18.13 36.70
N ASP F 28 -8.02 -17.07 36.17
CA ASP F 28 -8.73 -16.21 35.24
C ASP F 28 -8.55 -16.69 33.81
N ASN F 29 -9.58 -16.44 32.98
CA ASN F 29 -9.60 -16.99 31.63
C ASN F 29 -8.60 -16.31 30.71
N ILE F 30 -8.28 -15.03 30.96
CA ILE F 30 -7.27 -14.34 30.17
C ILE F 30 -5.87 -14.91 30.41
N GLN F 31 -5.64 -15.52 31.57
CA GLN F 31 -4.32 -16.04 31.88
C GLN F 31 -3.99 -17.33 31.15
N GLY F 32 -4.95 -17.94 30.45
CA GLY F 32 -4.65 -19.13 29.69
C GLY F 32 -3.76 -18.88 28.49
N ILE F 33 -3.69 -17.64 28.03
CA ILE F 33 -2.72 -17.22 27.03
C ILE F 33 -1.39 -16.94 27.73
N THR F 34 -0.56 -17.97 27.83
CA THR F 34 0.60 -17.94 28.70
C THR F 34 1.69 -17.03 28.16
N LYS F 35 2.63 -16.70 29.04
CA LYS F 35 3.79 -15.90 28.68
C LYS F 35 4.58 -16.43 27.49
N PRO F 36 4.91 -17.72 27.40
CA PRO F 36 5.64 -18.19 26.21
C PRO F 36 4.88 -18.02 24.91
N ALA F 37 3.55 -18.03 24.94
CA ALA F 37 2.80 -17.79 23.71
C ALA F 37 2.99 -16.35 23.22
N ILE F 38 2.92 -15.39 24.15
CA ILE F 38 3.15 -13.99 23.79
C ILE F 38 4.59 -13.82 23.32
N ARG F 39 5.53 -14.49 23.99
CA ARG F 39 6.93 -14.46 23.55
C ARG F 39 7.09 -14.99 22.12
N ARG F 40 6.41 -16.09 21.79
CA ARG F 40 6.50 -16.63 20.43
C ARG F 40 5.91 -15.67 19.42
N LEU F 41 4.74 -15.09 19.71
CA LEU F 41 4.18 -14.07 18.83
C LEU F 41 5.17 -12.91 18.64
N ALA F 42 5.83 -12.50 19.72
CA ALA F 42 6.79 -11.41 19.63
C ALA F 42 8.00 -11.80 18.80
N ARG F 43 8.48 -13.04 18.95
CA ARG F 43 9.54 -13.55 18.10
C ARG F 43 9.16 -13.47 16.64
N ARG F 44 7.93 -13.88 16.31
CA ARG F 44 7.45 -13.75 14.94
C ARG F 44 7.37 -12.29 14.52
N GLY F 45 7.15 -11.38 15.46
CA GLY F 45 7.18 -9.97 15.16
C GLY F 45 8.56 -9.36 15.03
N GLY F 46 9.60 -10.15 15.24
CA GLY F 46 10.98 -9.73 15.01
C GLY F 46 11.67 -9.08 16.20
N VAL F 47 11.07 -9.14 17.38
CA VAL F 47 11.63 -8.50 18.57
C VAL F 47 12.60 -9.46 19.24
N LYS F 48 13.74 -8.94 19.70
CA LYS F 48 14.76 -9.78 20.29
C LYS F 48 14.68 -9.88 21.81
N ARG F 49 14.19 -8.85 22.50
CA ARG F 49 14.13 -8.83 23.95
C ARG F 49 12.79 -8.26 24.41
N ILE F 50 12.30 -8.77 25.54
CA ILE F 50 10.93 -8.54 25.99
C ILE F 50 10.87 -8.20 27.47
N SER F 51 10.33 -7.02 27.78
CA SER F 51 10.08 -6.58 29.15
C SER F 51 9.00 -7.43 29.82
N GLY F 52 9.13 -7.59 31.14
CA GLY F 52 8.17 -8.41 31.88
C GLY F 52 6.73 -7.91 31.87
N LEU F 53 6.52 -6.60 31.76
CA LEU F 53 5.15 -6.05 31.85
C LEU F 53 4.41 -6.14 30.53
N ILE F 54 5.14 -6.31 29.42
CA ILE F 54 4.51 -6.30 28.13
C ILE F 54 3.43 -7.38 28.08
N TYR F 55 3.67 -8.54 28.72
CA TYR F 55 2.72 -9.63 28.60
C TYR F 55 1.34 -9.19 29.08
N GLU F 56 1.30 -8.57 30.27
CA GLU F 56 0.04 -8.10 30.83
C GLU F 56 -0.61 -7.07 29.92
N GLU F 57 0.20 -6.11 29.45
CA GLU F 57 -0.37 -5.08 28.57
C GLU F 57 -0.89 -5.73 27.29
N THR F 58 -0.12 -6.64 26.71
CA THR F 58 -0.51 -7.28 25.46
C THR F 58 -1.83 -8.01 25.67
N ARG F 59 -1.99 -8.64 26.83
CA ARG F 59 -3.21 -9.41 27.08
C ARG F 59 -4.39 -8.46 27.02
N GLY F 60 -4.24 -7.29 27.65
CA GLY F 60 -5.31 -6.31 27.61
C GLY F 60 -5.63 -5.91 26.18
N VAL F 61 -4.59 -5.64 25.39
CA VAL F 61 -4.76 -5.23 24.00
C VAL F 61 -5.53 -6.30 23.23
N LEU F 62 -5.11 -7.55 23.40
CA LEU F 62 -5.73 -8.64 22.66
C LEU F 62 -7.19 -8.72 23.05
N LYS F 63 -7.48 -8.59 24.35
CA LYS F 63 -8.86 -8.68 24.81
C LYS F 63 -9.69 -7.63 24.11
N VAL F 64 -9.16 -6.40 24.02
CA VAL F 64 -9.90 -5.31 23.38
C VAL F 64 -10.23 -5.70 21.93
N PHE F 65 -9.21 -6.15 21.22
CA PHE F 65 -9.38 -6.56 19.82
C PHE F 65 -10.48 -7.61 19.72
N LEU F 66 -10.37 -8.66 20.53
CA LEU F 66 -11.34 -9.75 20.47
C LEU F 66 -12.72 -9.21 20.73
N GLU F 67 -12.86 -8.37 21.76
CA GLU F 67 -14.17 -7.82 22.10
C GLU F 67 -14.79 -7.21 20.86
N ASN F 68 -14.05 -6.32 20.20
CA ASN F 68 -14.59 -5.61 19.03
C ASN F 68 -14.99 -6.59 17.93
N VAL F 69 -14.06 -7.48 17.57
CA VAL F 69 -14.33 -8.42 16.47
C VAL F 69 -15.53 -9.29 16.80
N ILE F 70 -15.57 -9.82 18.02
CA ILE F 70 -16.62 -10.76 18.40
C ILE F 70 -17.96 -10.03 18.42
N ARG F 71 -17.96 -8.78 18.90
CA ARG F 71 -19.19 -7.99 18.89
C ARG F 71 -19.75 -7.90 17.47
N ASP F 72 -18.88 -7.55 16.52
CA ASP F 72 -19.36 -7.43 15.14
C ASP F 72 -19.82 -8.78 14.61
N ALA F 73 -19.06 -9.84 14.89
CA ALA F 73 -19.43 -11.17 14.43
C ALA F 73 -20.81 -11.55 14.94
N VAL F 74 -21.05 -11.30 16.23
CA VAL F 74 -22.32 -11.69 16.84
C VAL F 74 -23.45 -10.87 16.23
N THR F 75 -23.20 -9.58 15.95
CA THR F 75 -24.22 -8.78 15.30
C THR F 75 -24.58 -9.40 13.95
N TYR F 76 -23.57 -9.80 13.18
CA TYR F 76 -23.85 -10.44 11.89
C TYR F 76 -24.66 -11.71 12.10
N THR F 77 -24.30 -12.50 13.12
CA THR F 77 -25.02 -13.73 13.39
C THR F 77 -26.50 -13.45 13.65
N GLU F 78 -26.78 -12.39 14.40
CA GLU F 78 -28.18 -12.06 14.70
C GLU F 78 -28.89 -11.58 13.45
N HIS F 79 -28.16 -10.86 12.59
CA HIS F 79 -28.73 -10.42 11.32
C HIS F 79 -29.09 -11.60 10.44
N ALA F 80 -28.27 -12.66 10.48
CA ALA F 80 -28.50 -13.84 9.64
C ALA F 80 -29.56 -14.76 10.22
N LYS F 81 -30.16 -14.38 11.35
CA LYS F 81 -31.15 -15.21 12.06
C LYS F 81 -30.64 -16.61 12.34
N ARG F 82 -29.37 -16.70 12.73
CA ARG F 82 -28.75 -17.96 13.09
C ARG F 82 -28.37 -17.97 14.56
N LYS F 83 -28.13 -19.18 15.08
CA LYS F 83 -27.64 -19.38 16.44
C LYS F 83 -26.22 -19.90 16.46
N THR F 84 -25.62 -20.12 15.30
CA THR F 84 -24.26 -20.63 15.16
C THR F 84 -23.43 -19.59 14.44
N VAL F 85 -22.37 -19.10 15.10
CA VAL F 85 -21.44 -18.19 14.46
C VAL F 85 -20.68 -18.97 13.38
N THR F 86 -20.74 -18.48 12.15
CA THR F 86 -20.10 -19.12 11.01
C THR F 86 -18.78 -18.42 10.70
N ALA F 87 -17.96 -19.08 9.88
CA ALA F 87 -16.72 -18.47 9.40
C ALA F 87 -17.00 -17.16 8.67
N MET F 88 -18.11 -17.08 7.94
CA MET F 88 -18.44 -15.86 7.22
C MET F 88 -18.75 -14.72 8.18
N ASP F 89 -19.40 -15.01 9.31
CA ASP F 89 -19.62 -13.99 10.32
C ASP F 89 -18.31 -13.39 10.78
N VAL F 90 -17.32 -14.24 11.05
CA VAL F 90 -16.02 -13.76 11.51
C VAL F 90 -15.34 -12.95 10.40
N VAL F 91 -15.40 -13.44 9.17
CA VAL F 91 -14.79 -12.73 8.05
C VAL F 91 -15.39 -11.34 7.89
N TYR F 92 -16.71 -11.23 7.97
CA TYR F 92 -17.36 -9.93 7.88
C TYR F 92 -16.98 -9.03 9.05
N ALA F 93 -16.94 -9.58 10.26
CA ALA F 93 -16.52 -8.79 11.42
C ALA F 93 -15.11 -8.24 11.22
N LEU F 94 -14.19 -9.09 10.75
CA LEU F 94 -12.82 -8.66 10.54
C LEU F 94 -12.75 -7.59 9.46
N LYS F 95 -13.50 -7.77 8.38
CA LYS F 95 -13.53 -6.78 7.30
C LYS F 95 -14.00 -5.43 7.82
N ARG F 96 -15.12 -5.41 8.55
CA ARG F 96 -15.67 -4.16 9.05
C ARG F 96 -14.88 -3.58 10.21
N GLN F 97 -14.00 -4.36 10.83
CA GLN F 97 -13.20 -3.86 11.95
C GLN F 97 -11.81 -3.41 11.54
N GLY F 98 -11.04 -4.28 10.89
CA GLY F 98 -9.70 -3.92 10.46
C GLY F 98 -9.55 -3.78 8.95
N ARG F 99 -9.15 -2.59 8.51
CA ARG F 99 -8.89 -2.24 7.11
C ARG F 99 -9.56 -3.12 6.06
N HIS G 62 -9.40 31.15 8.94
CA HIS G 62 -8.05 31.47 9.42
C HIS G 62 -7.08 30.32 9.15
N LEU G 63 -6.19 30.51 8.18
CA LEU G 63 -5.25 29.46 7.78
C LEU G 63 -3.83 30.00 7.86
N LEU G 64 -2.92 29.11 8.23
CA LEU G 64 -1.52 29.48 8.39
C LEU G 64 -0.83 29.69 7.06
N ILE G 65 -0.93 28.72 6.15
CA ILE G 65 -0.29 28.85 4.85
C ILE G 65 -0.97 29.96 4.07
N ARG G 66 -0.18 30.70 3.30
CA ARG G 66 -0.73 31.78 2.49
C ARG G 66 -1.67 31.24 1.42
N LYS G 67 -2.63 32.08 1.02
CA LYS G 67 -3.65 31.64 0.07
C LYS G 67 -3.09 31.48 -1.34
N LEU G 68 -2.31 32.45 -1.80
CA LEU G 68 -1.86 32.49 -3.19
C LEU G 68 -0.74 31.51 -3.50
N PRO G 69 0.29 31.34 -2.65
CA PRO G 69 1.27 30.30 -2.93
C PRO G 69 0.66 28.91 -3.00
N PHE G 70 -0.18 28.55 -2.03
CA PHE G 70 -0.84 27.25 -2.09
C PHE G 70 -1.77 27.15 -3.28
N SER G 71 -2.44 28.25 -3.65
CA SER G 71 -3.28 28.24 -4.84
C SER G 71 -2.45 27.91 -6.08
N ARG G 72 -1.30 28.57 -6.24
CA ARG G 72 -0.45 28.32 -7.39
C ARG G 72 0.07 26.90 -7.40
N LEU G 73 0.45 26.37 -6.24
CA LEU G 73 0.94 25.00 -6.18
C LEU G 73 -0.15 24.01 -6.55
N ALA G 74 -1.37 24.22 -6.04
CA ALA G 74 -2.48 23.34 -6.39
C ALA G 74 -2.78 23.40 -7.89
N ARG G 75 -2.69 24.59 -8.48
CA ARG G 75 -2.94 24.70 -9.91
C ARG G 75 -1.86 23.97 -10.71
N GLU G 76 -0.61 24.07 -10.26
CA GLU G 76 0.47 23.34 -10.95
C GLU G 76 0.25 21.84 -10.86
N ILE G 77 -0.08 21.34 -9.67
CA ILE G 77 -0.32 19.91 -9.51
C ILE G 77 -1.53 19.46 -10.32
N CYS G 78 -2.51 20.35 -10.52
CA CYS G 78 -3.64 20.00 -11.39
C CYS G 78 -3.21 19.91 -12.84
N VAL G 79 -2.41 20.87 -13.30
CA VAL G 79 -1.89 20.79 -14.66
C VAL G 79 -1.11 19.51 -14.84
N LYS G 80 -0.41 19.05 -13.78
CA LYS G 80 0.36 17.81 -13.93
C LYS G 80 -0.56 16.68 -14.37
N PHE G 81 -1.76 16.63 -13.80
CA PHE G 81 -2.65 15.48 -13.97
C PHE G 81 -3.70 15.72 -15.03
N THR G 82 -3.64 16.84 -15.75
CA THR G 82 -4.64 17.08 -16.78
C THR G 82 -4.03 17.25 -18.16
N ARG G 83 -2.75 16.89 -18.33
CA ARG G 83 -2.02 16.99 -19.60
C ARG G 83 -1.98 18.42 -20.14
N GLY G 84 -1.78 19.39 -19.26
CA GLY G 84 -1.54 20.77 -19.59
C GLY G 84 -2.75 21.69 -19.56
N VAL G 85 -3.95 21.15 -19.74
CA VAL G 85 -5.16 21.96 -19.62
C VAL G 85 -5.47 22.17 -18.13
N ASP G 86 -5.73 23.41 -17.75
CA ASP G 86 -5.96 23.74 -16.36
C ASP G 86 -7.44 24.08 -16.15
N PHE G 87 -8.08 23.36 -15.24
CA PHE G 87 -9.47 23.63 -14.89
C PHE G 87 -9.56 24.85 -13.99
N ASN G 88 -10.64 25.61 -14.14
CA ASN G 88 -10.91 26.71 -13.23
C ASN G 88 -11.19 26.15 -11.83
N TRP G 89 -10.47 26.64 -10.83
CA TRP G 89 -10.65 26.19 -9.46
C TRP G 89 -11.62 27.12 -8.74
N GLN G 90 -12.77 26.58 -8.35
CA GLN G 90 -13.69 27.31 -7.50
C GLN G 90 -12.99 27.69 -6.18
N ALA G 91 -13.04 28.98 -5.85
CA ALA G 91 -12.32 29.49 -4.69
C ALA G 91 -12.66 28.71 -3.42
N GLN G 92 -13.92 28.29 -3.29
CA GLN G 92 -14.31 27.47 -2.14
C GLN G 92 -13.61 26.12 -2.18
N ALA G 93 -13.43 25.55 -3.37
CA ALA G 93 -12.71 24.28 -3.47
C ALA G 93 -11.26 24.42 -3.06
N LEU G 94 -10.60 25.50 -3.50
CA LEU G 94 -9.22 25.75 -3.09
C LEU G 94 -9.13 25.97 -1.58
N LEU G 95 -10.10 26.68 -1.00
CA LEU G 95 -10.10 26.90 0.44
C LEU G 95 -10.25 25.59 1.19
N ALA G 96 -11.17 24.73 0.75
CA ALA G 96 -11.36 23.44 1.41
C ALA G 96 -10.12 22.58 1.28
N LEU G 97 -9.49 22.57 0.10
CA LEU G 97 -8.27 21.79 -0.09
C LEU G 97 -7.15 22.29 0.81
N GLN G 98 -7.04 23.61 0.98
CA GLN G 98 -6.00 24.16 1.83
C GLN G 98 -6.27 23.84 3.30
N GLU G 99 -7.53 23.93 3.72
CA GLU G 99 -7.90 23.52 5.08
C GLU G 99 -7.52 22.07 5.34
N ALA G 100 -7.83 21.19 4.37
CA ALA G 100 -7.53 19.77 4.55
C ALA G 100 -6.02 19.54 4.61
N ALA G 101 -5.27 20.19 3.72
CA ALA G 101 -3.82 20.02 3.71
C ALA G 101 -3.21 20.48 5.03
N GLU G 102 -3.66 21.64 5.54
CA GLU G 102 -3.11 22.15 6.79
C GLU G 102 -3.48 21.25 7.96
N ALA G 103 -4.69 20.70 7.97
CA ALA G 103 -5.08 19.81 9.06
C ALA G 103 -4.28 18.51 9.02
N PHE G 104 -4.06 17.96 7.82
CA PHE G 104 -3.22 16.78 7.69
C PHE G 104 -1.79 17.06 8.17
N LEU G 105 -1.23 18.20 7.79
CA LEU G 105 0.13 18.54 8.22
C LEU G 105 0.19 18.70 9.74
N VAL G 106 -0.82 19.31 10.34
CA VAL G 106 -0.82 19.51 11.79
C VAL G 106 -0.90 18.16 12.51
N HIS G 107 -1.76 17.26 12.02
CA HIS G 107 -1.87 15.95 12.65
C HIS G 107 -0.57 15.16 12.49
N LEU G 108 0.04 15.21 11.31
CA LEU G 108 1.33 14.55 11.12
C LEU G 108 2.38 15.11 12.07
N PHE G 109 2.37 16.43 12.29
CA PHE G 109 3.34 17.03 13.19
C PHE G 109 3.12 16.60 14.63
N GLU G 110 1.87 16.53 15.09
CA GLU G 110 1.67 16.11 16.47
C GLU G 110 1.98 14.64 16.65
N ASP G 111 1.74 13.80 15.63
CA ASP G 111 2.19 12.42 15.72
C ASP G 111 3.72 12.31 15.76
N ALA G 112 4.40 13.08 14.91
CA ALA G 112 5.86 13.08 14.93
C ALA G 112 6.40 13.59 16.27
N TYR G 113 5.69 14.51 16.91
CA TYR G 113 6.16 14.96 18.22
C TYR G 113 5.88 13.94 19.31
N LEU G 114 4.78 13.19 19.21
CA LEU G 114 4.61 12.02 20.05
C LEU G 114 5.78 11.06 19.89
N LEU G 115 6.27 10.89 18.66
CA LEU G 115 7.40 10.01 18.42
C LEU G 115 8.70 10.56 19.01
N THR G 116 8.96 11.86 18.83
CA THR G 116 10.23 12.42 19.28
C THR G 116 10.29 12.61 20.80
N LEU G 117 9.15 12.91 21.44
CA LEU G 117 9.12 12.96 22.90
C LEU G 117 9.44 11.60 23.49
N HIS G 118 8.99 10.53 22.84
CA HIS G 118 9.27 9.17 23.29
C HIS G 118 10.70 8.75 23.00
N ALA G 119 11.40 9.45 22.12
CA ALA G 119 12.78 9.13 21.80
C ALA G 119 13.78 9.86 22.70
N GLY G 120 13.30 10.57 23.72
CA GLY G 120 14.16 11.33 24.59
C GLY G 120 14.54 12.72 24.11
N ARG G 121 14.19 13.07 22.88
CA ARG G 121 14.59 14.35 22.30
C ARG G 121 13.51 15.41 22.50
N VAL G 122 13.88 16.65 22.20
CA VAL G 122 12.93 17.76 22.18
C VAL G 122 12.76 18.36 20.79
N THR G 123 13.73 18.22 19.89
CA THR G 123 13.66 18.81 18.56
C THR G 123 13.15 17.79 17.56
N LEU G 124 12.19 18.20 16.74
CA LEU G 124 11.63 17.33 15.73
C LEU G 124 12.66 17.08 14.63
N PHE G 125 12.67 15.86 14.11
CA PHE G 125 13.58 15.42 13.06
C PHE G 125 12.79 14.92 11.85
N PRO G 126 13.43 14.86 10.67
CA PRO G 126 12.73 14.30 9.51
C PRO G 126 12.45 12.82 9.65
N LYS G 127 13.38 12.06 10.24
CA LYS G 127 13.13 10.63 10.47
C LYS G 127 11.96 10.42 11.41
N ASP G 128 11.66 11.38 12.28
CA ASP G 128 10.46 11.26 13.12
C ASP G 128 9.20 11.27 12.27
N VAL G 129 9.11 12.23 11.33
CA VAL G 129 7.96 12.29 10.43
C VAL G 129 7.90 11.04 9.57
N GLN G 130 9.06 10.58 9.08
CA GLN G 130 9.07 9.39 8.24
C GLN G 130 8.57 8.16 9.00
N LEU G 131 9.00 8.00 10.25
CA LEU G 131 8.54 6.86 11.03
C LEU G 131 7.07 6.98 11.37
N ALA G 132 6.60 8.20 11.65
CA ALA G 132 5.17 8.40 11.89
C ALA G 132 4.37 8.01 10.66
N ARG G 133 4.83 8.42 9.47
CA ARG G 133 4.14 8.05 8.23
C ARG G 133 4.13 6.55 8.04
N ARG G 134 5.26 5.89 8.35
CA ARG G 134 5.31 4.44 8.20
C ARG G 134 4.34 3.75 9.14
N ILE G 135 4.30 4.17 10.41
CA ILE G 135 3.46 3.50 11.39
C ILE G 135 1.98 3.74 11.09
N ARG G 136 1.63 4.98 10.70
CA ARG G 136 0.23 5.29 10.40
C ARG G 136 -0.28 4.45 9.23
N GLY G 137 0.46 4.41 8.13
CA GLY G 137 0.07 3.65 6.97
C GLY G 137 0.59 4.23 5.66
N ARG H 27 12.29 31.46 -9.14
CA ARG H 27 12.03 30.60 -7.99
C ARG H 27 11.22 29.38 -8.43
N ASP H 28 11.30 28.29 -7.67
CA ASP H 28 10.41 27.15 -7.85
C ASP H 28 9.16 27.33 -7.00
N ASN H 29 8.05 26.77 -7.51
CA ASN H 29 6.74 27.00 -6.90
C ASN H 29 6.54 26.31 -5.55
N ILE H 30 7.22 25.18 -5.31
CA ILE H 30 7.08 24.56 -4.00
C ILE H 30 7.71 25.42 -2.89
N GLN H 31 8.69 26.26 -3.22
CA GLN H 31 9.31 27.09 -2.18
C GLN H 31 8.44 28.25 -1.73
N GLY H 32 7.31 28.48 -2.41
CA GLY H 32 6.41 29.55 -1.98
C GLY H 32 5.73 29.27 -0.66
N ILE H 33 5.67 27.99 -0.27
CA ILE H 33 5.24 27.61 1.07
C ILE H 33 6.46 27.79 1.96
N THR H 34 6.60 28.99 2.52
CA THR H 34 7.84 29.40 3.14
C THR H 34 8.07 28.69 4.47
N LYS H 35 9.33 28.77 4.93
CA LYS H 35 9.75 28.21 6.20
C LYS H 35 8.89 28.66 7.39
N PRO H 36 8.59 29.96 7.56
CA PRO H 36 7.74 30.33 8.70
C PRO H 36 6.35 29.72 8.67
N ALA H 37 5.81 29.41 7.49
CA ALA H 37 4.52 28.75 7.44
C ALA H 37 4.61 27.34 8.01
N ILE H 38 5.66 26.60 7.64
CA ILE H 38 5.85 25.26 8.17
C ILE H 38 6.11 25.33 9.67
N ARG H 39 6.88 26.34 10.11
CA ARG H 39 7.09 26.54 11.53
C ARG H 39 5.78 26.78 12.28
N ARG H 40 4.90 27.61 11.71
CA ARG H 40 3.61 27.86 12.36
C ARG H 40 2.75 26.59 12.42
N LEU H 41 2.70 25.84 11.32
CA LEU H 41 1.99 24.55 11.36
C LEU H 41 2.57 23.65 12.44
N ALA H 42 3.89 23.64 12.59
CA ALA H 42 4.52 22.81 13.61
C ALA H 42 4.16 23.31 15.01
N ARG H 43 4.13 24.62 15.20
CA ARG H 43 3.67 25.20 16.46
C ARG H 43 2.26 24.72 16.80
N ARG H 44 1.36 24.76 15.82
CA ARG H 44 0.02 24.21 16.06
C ARG H 44 0.07 22.73 16.37
N GLY H 45 1.06 22.02 15.84
CA GLY H 45 1.21 20.63 16.20
C GLY H 45 1.84 20.38 17.56
N GLY H 46 2.22 21.44 18.27
CA GLY H 46 2.71 21.33 19.62
C GLY H 46 4.19 21.11 19.76
N VAL H 47 4.96 21.26 18.69
CA VAL H 47 6.40 21.02 18.71
C VAL H 47 7.11 22.29 19.15
N LYS H 48 8.12 22.14 20.00
CA LYS H 48 8.84 23.29 20.54
C LYS H 48 10.09 23.65 19.75
N ARG H 49 10.75 22.68 19.13
CA ARG H 49 11.99 22.91 18.40
C ARG H 49 11.94 22.14 17.08
N ILE H 50 12.60 22.71 16.06
CA ILE H 50 12.46 22.27 14.67
C ILE H 50 13.82 22.19 13.98
N SER H 51 14.17 20.98 13.50
CA SER H 51 15.38 20.77 12.71
C SER H 51 15.29 21.47 11.36
N GLY H 52 16.45 21.90 10.83
CA GLY H 52 16.49 22.60 9.55
C GLY H 52 16.01 21.77 8.38
N LEU H 53 16.18 20.45 8.44
CA LEU H 53 15.82 19.61 7.30
C LEU H 53 14.34 19.27 7.26
N ILE H 54 13.65 19.44 8.40
CA ILE H 54 12.25 19.05 8.44
C ILE H 54 11.49 19.82 7.37
N TYR H 55 11.85 21.10 7.15
CA TYR H 55 11.08 21.91 6.22
C TYR H 55 11.06 21.25 4.84
N GLU H 56 12.25 20.86 4.36
CA GLU H 56 12.39 20.22 3.06
C GLU H 56 11.59 18.92 3.00
N GLU H 57 11.72 18.10 4.07
CA GLU H 57 11.00 16.84 4.07
C GLU H 57 9.49 17.11 4.07
N THR H 58 9.05 18.07 4.89
CA THR H 58 7.63 18.39 4.98
C THR H 58 7.12 18.81 3.62
N ARG H 59 7.92 19.59 2.89
CA ARG H 59 7.47 20.07 1.59
C ARG H 59 7.20 18.88 0.69
N GLY H 60 8.13 17.90 0.70
CA GLY H 60 7.93 16.72 -0.11
C GLY H 60 6.65 15.99 0.27
N VAL H 61 6.45 15.81 1.58
CA VAL H 61 5.26 15.09 2.07
C VAL H 61 4.00 15.81 1.61
N LEU H 62 3.97 17.13 1.79
CA LEU H 62 2.79 17.90 1.43
C LEU H 62 2.52 17.75 -0.05
N LYS H 63 3.58 17.83 -0.87
CA LYS H 63 3.39 17.73 -2.30
C LYS H 63 2.73 16.40 -2.62
N VAL H 64 3.21 15.31 -1.99
CA VAL H 64 2.65 13.99 -2.26
C VAL H 64 1.17 13.98 -1.94
N PHE H 65 0.81 14.49 -0.75
CA PHE H 65 -0.59 14.54 -0.34
C PHE H 65 -1.41 15.28 -1.38
N LEU H 66 -0.96 16.49 -1.74
CA LEU H 66 -1.71 17.31 -2.68
C LEU H 66 -1.87 16.55 -3.99
N GLU H 67 -0.79 15.94 -4.48
CA GLU H 67 -0.86 15.22 -5.74
C GLU H 67 -2.02 14.25 -5.70
N ASN H 68 -2.04 13.41 -4.65
CA ASN H 68 -3.07 12.38 -4.56
C ASN H 68 -4.47 13.00 -4.54
N VAL H 69 -4.67 13.96 -3.64
CA VAL H 69 -6.00 14.58 -3.50
C VAL H 69 -6.43 15.23 -4.81
N ILE H 70 -5.53 15.99 -5.43
CA ILE H 70 -5.89 16.74 -6.62
C ILE H 70 -6.19 15.78 -7.76
N ARG H 71 -5.41 14.69 -7.86
CA ARG H 71 -5.67 13.68 -8.89
C ARG H 71 -7.10 13.17 -8.76
N ASP H 72 -7.49 12.80 -7.54
CA ASP H 72 -8.85 12.29 -7.35
C ASP H 72 -9.88 13.37 -7.65
N ALA H 73 -9.63 14.60 -7.19
CA ALA H 73 -10.57 15.69 -7.44
C ALA H 73 -10.78 15.90 -8.93
N VAL H 74 -9.67 15.90 -9.70
CA VAL H 74 -9.76 16.16 -11.13
C VAL H 74 -10.51 15.02 -11.81
N THR H 75 -10.27 13.78 -11.36
CA THR H 75 -11.03 12.66 -11.92
C THR H 75 -12.52 12.87 -11.70
N TYR H 76 -12.90 13.28 -10.48
CA TYR H 76 -14.31 13.55 -10.21
C TYR H 76 -14.84 14.63 -11.14
N THR H 77 -14.03 15.69 -11.33
CA THR H 77 -14.43 16.78 -12.21
C THR H 77 -14.71 16.26 -13.61
N GLU H 78 -13.88 15.35 -14.10
CA GLU H 78 -14.05 14.79 -15.44
C GLU H 78 -15.31 13.94 -15.48
N HIS H 79 -15.60 13.23 -14.39
CA HIS H 79 -16.82 12.45 -14.32
C HIS H 79 -18.06 13.33 -14.41
N ALA H 80 -18.01 14.53 -13.83
CA ALA H 80 -19.16 15.43 -13.84
C ALA H 80 -19.30 16.19 -15.14
N LYS H 81 -18.41 15.94 -16.11
CA LYS H 81 -18.39 16.66 -17.39
C LYS H 81 -18.36 18.17 -17.17
N ARG H 82 -17.56 18.61 -16.21
CA ARG H 82 -17.38 20.02 -15.91
C ARG H 82 -15.94 20.44 -16.20
N LYS H 83 -15.74 21.75 -16.30
CA LYS H 83 -14.42 22.33 -16.47
C LYS H 83 -13.98 23.11 -15.23
N THR H 84 -14.81 23.18 -14.20
CA THR H 84 -14.52 23.89 -12.97
C THR H 84 -14.53 22.90 -11.82
N VAL H 85 -13.39 22.78 -11.13
CA VAL H 85 -13.34 21.95 -9.93
C VAL H 85 -14.17 22.62 -8.84
N THR H 86 -15.15 21.89 -8.32
CA THR H 86 -16.05 22.40 -7.31
C THR H 86 -15.62 21.93 -5.92
N ALA H 87 -16.19 22.56 -4.90
CA ALA H 87 -15.96 22.14 -3.52
C ALA H 87 -16.35 20.68 -3.32
N MET H 88 -17.42 20.22 -3.99
CA MET H 88 -17.85 18.84 -3.84
C MET H 88 -16.82 17.87 -4.41
N ASP H 89 -16.17 18.24 -5.51
CA ASP H 89 -15.08 17.42 -6.04
C ASP H 89 -14.00 17.21 -4.99
N VAL H 90 -13.60 18.29 -4.32
CA VAL H 90 -12.57 18.20 -3.30
C VAL H 90 -13.04 17.35 -2.12
N VAL H 91 -14.29 17.55 -1.69
CA VAL H 91 -14.82 16.77 -0.56
C VAL H 91 -14.79 15.28 -0.88
N TYR H 92 -15.23 14.90 -2.09
CA TYR H 92 -15.19 13.49 -2.47
C TYR H 92 -13.76 12.97 -2.56
N ALA H 93 -12.85 13.76 -3.13
CA ALA H 93 -11.45 13.34 -3.20
C ALA H 93 -10.91 13.09 -1.79
N LEU H 94 -11.19 14.00 -0.87
CA LEU H 94 -10.70 13.85 0.50
C LEU H 94 -11.29 12.62 1.16
N LYS H 95 -12.60 12.40 0.96
CA LYS H 95 -13.24 11.21 1.52
C LYS H 95 -12.58 9.93 1.02
N ARG H 96 -12.39 9.82 -0.30
CA ARG H 96 -11.82 8.62 -0.88
C ARG H 96 -10.31 8.50 -0.64
N GLN H 97 -9.65 9.57 -0.22
CA GLN H 97 -8.21 9.51 0.03
C GLN H 97 -7.87 9.31 1.50
N GLY H 98 -8.37 10.16 2.38
CA GLY H 98 -8.08 10.01 3.80
C GLY H 98 -9.26 9.58 4.64
N ARG H 99 -9.10 8.43 5.31
CA ARG H 99 -10.08 7.82 6.22
C ARG H 99 -11.53 8.27 6.03
#